data_5EO4
#
_entry.id   5EO4
#
_cell.length_a   63.070
_cell.length_b   62.660
_cell.length_c   149.357
_cell.angle_alpha   90.00
_cell.angle_beta   92.47
_cell.angle_gamma   90.00
#
_symmetry.space_group_name_H-M   'I 1 2 1'
#
loop_
_entity.id
_entity.type
_entity.pdbx_description
1 polymer thioesterase
2 water water
#
_entity_poly.entity_id   1
_entity_poly.type   'polypeptide(L)'
_entity_poly.pdbx_seq_one_letter_code
;SNAMIKQLFTHTQTVTSEFIDHNNHMHDANYNIIFSDVVNRFNYSHGLSLKERENLAYTLFTLEEHTTYLSELSLGDVFT
VTLYIYDYDYKRLHLFLTLTKEDGTLASTNEVMMMGINQHTRRSDAFPESFSTQIAHYYKNQPTITWPEQLGHKIAIPHK
GALK
;
_entity_poly.pdbx_strand_id   A,B,C
#
# COMPACT_ATOMS: atom_id res chain seq x y z
N MET A 4 -16.03 -2.77 1.37
CA MET A 4 -15.20 -2.61 0.14
C MET A 4 -14.89 -1.13 0.06
N ILE A 5 -15.88 -0.25 -0.02
CA ILE A 5 -15.59 1.21 -0.11
C ILE A 5 -15.54 1.86 1.29
N LYS A 6 -14.37 2.22 1.73
CA LYS A 6 -14.22 2.82 3.08
C LYS A 6 -14.41 4.35 2.98
N GLN A 7 -14.81 4.95 4.10
CA GLN A 7 -15.21 6.38 4.10
C GLN A 7 -14.60 7.20 5.25
N LEU A 8 -14.21 8.43 4.94
CA LEU A 8 -13.61 9.33 5.96
C LEU A 8 -14.30 10.68 5.89
N PHE A 9 -14.75 11.14 7.05
CA PHE A 9 -15.24 12.50 7.20
C PHE A 9 -14.12 13.54 7.21
N THR A 10 -14.20 14.51 6.28
CA THR A 10 -13.14 15.50 6.13
C THR A 10 -13.70 16.91 5.98
N HIS A 11 -12.85 17.88 6.22
CA HIS A 11 -13.22 19.30 5.99
C HIS A 11 -12.01 20.07 5.61
N THR A 12 -12.10 20.78 4.49
CA THR A 12 -11.01 21.51 3.93
C THR A 12 -11.22 23.02 4.01
N GLN A 13 -10.14 23.77 4.25
CA GLN A 13 -10.27 25.23 4.25
C GLN A 13 -8.91 25.84 4.07
N THR A 14 -8.88 27.17 3.99
CA THR A 14 -7.64 27.90 3.72
C THR A 14 -7.22 28.78 4.90
N VAL A 15 -5.93 28.91 5.11
CA VAL A 15 -5.41 29.79 6.16
C VAL A 15 -5.63 31.26 5.74
N THR A 16 -6.40 31.98 6.52
CA THR A 16 -6.61 33.41 6.25
C THR A 16 -5.79 34.30 7.19
N SER A 17 -5.83 35.61 6.94
CA SER A 17 -5.02 36.59 7.70
C SER A 17 -5.30 36.55 9.20
N GLU A 18 -6.57 36.45 9.56
CA GLU A 18 -6.93 36.47 10.97
C GLU A 18 -6.38 35.30 11.80
N PHE A 19 -5.86 34.26 11.14
CA PHE A 19 -5.29 33.09 11.84
C PHE A 19 -3.79 33.26 12.13
N ILE A 20 -3.16 34.30 11.54
CA ILE A 20 -1.72 34.43 11.56
C ILE A 20 -1.21 35.21 12.79
N ASP A 21 -0.19 34.69 13.45
CA ASP A 21 0.39 35.30 14.66
C ASP A 21 1.61 36.14 14.27
N HIS A 22 2.35 36.59 15.27
CA HIS A 22 3.59 37.35 15.08
C HIS A 22 4.73 36.46 14.62
N ASN A 23 4.60 35.13 14.66
CA ASN A 23 5.57 34.23 14.06
C ASN A 23 5.30 34.01 12.57
N ASN A 24 4.33 34.76 12.04
CA ASN A 24 3.93 34.70 10.64
C ASN A 24 3.47 33.31 10.15
N HIS A 25 2.87 32.53 11.04
CA HIS A 25 2.18 31.33 10.69
C HIS A 25 0.90 31.20 11.53
N MET A 26 0.16 30.13 11.29
CA MET A 26 -1.12 29.98 11.99
C MET A 26 -0.87 29.81 13.52
N HIS A 27 -1.55 30.64 14.29
CA HIS A 27 -1.47 30.66 15.77
C HIS A 27 -1.88 29.30 16.35
N ASP A 28 -1.17 28.84 17.36
CA ASP A 28 -1.43 27.54 17.95
C ASP A 28 -2.90 27.29 18.28
N ALA A 29 -3.53 28.20 19.00
CA ALA A 29 -4.93 27.99 19.46
C ALA A 29 -5.96 27.98 18.31
N ASN A 30 -5.61 28.59 17.17
CA ASN A 30 -6.49 28.52 16.01
C ASN A 30 -6.64 27.07 15.46
N TYR A 31 -5.62 26.29 15.65
CA TYR A 31 -5.68 24.84 15.35
C TYR A 31 -6.81 24.19 16.19
N ASN A 32 -6.82 24.52 17.49
CA ASN A 32 -7.87 23.99 18.37
C ASN A 32 -9.26 24.47 18.00
N ILE A 33 -9.36 25.73 17.61
CA ILE A 33 -10.67 26.25 17.14
C ILE A 33 -11.17 25.39 15.90
N ILE A 34 -10.27 25.16 14.99
CA ILE A 34 -10.57 24.33 13.79
C ILE A 34 -10.98 22.88 14.13
N PHE A 35 -10.16 22.22 14.92
CA PHE A 35 -10.40 20.88 15.31
C PHE A 35 -11.75 20.76 16.04
N SER A 36 -12.04 21.70 16.94
CA SER A 36 -13.29 21.69 17.66
C SER A 36 -14.49 21.80 16.70
N ASP A 37 -14.39 22.69 15.74
CA ASP A 37 -15.46 22.91 14.78
C ASP A 37 -15.69 21.68 13.88
N VAL A 38 -14.62 21.04 13.45
CA VAL A 38 -14.71 19.79 12.67
C VAL A 38 -15.31 18.64 13.46
N VAL A 39 -14.91 18.51 14.72
CA VAL A 39 -15.54 17.57 15.61
C VAL A 39 -17.06 17.82 15.69
N ASN A 40 -17.42 19.06 15.83
CA ASN A 40 -18.84 19.43 15.96
C ASN A 40 -19.57 19.12 14.62
N ARG A 41 -18.96 19.43 13.46
CA ARG A 41 -19.54 19.09 12.17
C ARG A 41 -19.86 17.59 12.06
N PHE A 42 -18.91 16.80 12.52
CA PHE A 42 -19.06 15.36 12.57
C PHE A 42 -20.22 14.94 13.43
N ASN A 43 -20.22 15.37 14.67
CA ASN A 43 -21.29 15.03 15.59
C ASN A 43 -22.69 15.53 15.14
N TYR A 44 -22.71 16.69 14.55
CA TYR A 44 -23.93 17.22 13.96
C TYR A 44 -24.48 16.39 12.83
N SER A 45 -23.62 15.75 12.09
CA SER A 45 -24.00 14.93 10.96
C SER A 45 -24.13 13.48 11.31
N HIS A 46 -23.89 13.07 12.55
CA HIS A 46 -23.99 11.65 12.92
C HIS A 46 -24.94 11.32 14.05
N GLY A 47 -25.96 12.16 14.24
CA GLY A 47 -27.02 11.83 15.17
C GLY A 47 -27.24 12.84 16.27
N LEU A 48 -26.33 13.81 16.41
CA LEU A 48 -26.47 14.87 17.41
C LEU A 48 -26.32 16.25 16.84
N SER A 49 -27.15 16.57 15.84
CA SER A 49 -27.27 17.96 15.40
C SER A 49 -27.86 18.80 16.60
N LEU A 50 -27.77 20.11 16.48
CA LEU A 50 -28.30 20.98 17.55
C LEU A 50 -29.80 20.72 17.84
N LYS A 51 -30.54 20.51 16.76
CA LYS A 51 -31.98 20.19 16.85
C LYS A 51 -32.22 18.89 17.54
N GLU A 52 -31.42 17.86 17.18
CA GLU A 52 -31.51 16.59 17.84
C GLU A 52 -31.11 16.66 19.32
N ARG A 53 -30.12 17.49 19.61
CA ARG A 53 -29.68 17.67 21.03
C ARG A 53 -30.85 18.26 21.86
N GLU A 54 -31.57 19.21 21.32
CA GLU A 54 -32.71 19.83 21.99
C GLU A 54 -33.84 18.81 22.14
N ASN A 55 -34.15 18.08 21.10
CA ASN A 55 -35.19 17.06 21.17
C ASN A 55 -34.90 15.91 22.13
N LEU A 56 -33.66 15.48 22.18
CA LEU A 56 -33.24 14.38 23.03
C LEU A 56 -32.80 14.79 24.43
N ALA A 57 -32.76 16.09 24.70
CA ALA A 57 -32.16 16.65 25.93
C ALA A 57 -30.81 16.05 26.23
N TYR A 58 -29.92 16.06 25.22
CA TYR A 58 -28.66 15.37 25.31
C TYR A 58 -27.59 16.18 24.62
N THR A 59 -26.36 16.19 25.18
CA THR A 59 -25.27 16.87 24.48
C THR A 59 -23.97 16.16 24.71
N LEU A 60 -22.89 16.74 24.19
CA LEU A 60 -21.56 16.19 24.37
C LEU A 60 -20.62 17.26 24.92
N PHE A 61 -19.81 16.89 25.90
CA PHE A 61 -18.84 17.79 26.45
C PHE A 61 -17.45 17.24 26.06
N THR A 62 -16.52 18.16 25.81
CA THR A 62 -15.12 17.78 25.70
C THR A 62 -14.52 17.53 27.10
N LEU A 63 -13.83 16.40 27.29
CA LEU A 63 -13.17 16.11 28.54
C LEU A 63 -11.70 16.39 28.53
N GLU A 64 -11.04 16.12 27.40
CA GLU A 64 -9.58 16.05 27.34
C GLU A 64 -9.16 16.12 25.89
N GLU A 65 -8.10 16.81 25.60
CA GLU A 65 -7.55 16.80 24.29
C GLU A 65 -6.05 16.99 24.25
N HIS A 66 -5.43 16.52 23.17
CA HIS A 66 -3.96 16.58 22.99
C HIS A 66 -3.72 17.02 21.59
N THR A 67 -3.00 18.10 21.41
CA THR A 67 -2.75 18.65 20.06
C THR A 67 -1.22 18.65 19.83
N THR A 68 -0.81 18.25 18.65
CA THR A 68 0.58 18.32 18.26
C THR A 68 0.73 19.21 17.04
N TYR A 69 1.80 20.01 17.02
CA TYR A 69 2.07 20.99 15.99
C TYR A 69 3.38 20.54 15.28
N LEU A 70 3.23 19.99 14.07
CA LEU A 70 4.35 19.30 13.41
C LEU A 70 4.99 20.11 12.33
N SER A 71 4.22 20.90 11.63
CA SER A 71 4.67 21.60 10.43
C SER A 71 3.81 22.84 10.30
N GLU A 72 4.45 23.98 10.08
CA GLU A 72 3.77 25.24 10.12
C GLU A 72 2.89 25.45 8.90
N LEU A 73 1.82 26.24 9.09
CA LEU A 73 0.94 26.58 8.01
C LEU A 73 0.97 28.06 7.82
N SER A 74 1.13 28.49 6.59
CA SER A 74 1.27 29.88 6.24
C SER A 74 0.01 30.43 5.61
N LEU A 75 -0.04 31.75 5.50
CA LEU A 75 -1.11 32.45 4.80
C LEU A 75 -1.35 31.85 3.41
N GLY A 76 -2.60 31.49 3.11
CA GLY A 76 -2.95 30.94 1.79
C GLY A 76 -2.90 29.44 1.70
N ASP A 77 -2.33 28.77 2.69
CA ASP A 77 -2.22 27.33 2.67
C ASP A 77 -3.63 26.70 2.76
N VAL A 78 -3.87 25.71 1.93
CA VAL A 78 -5.13 24.98 1.93
C VAL A 78 -4.83 23.67 2.69
N PHE A 79 -5.68 23.34 3.65
CA PHE A 79 -5.47 22.16 4.50
C PHE A 79 -6.73 21.41 4.67
N THR A 80 -6.58 20.13 4.95
CA THR A 80 -7.71 19.28 5.21
C THR A 80 -7.65 18.65 6.59
N VAL A 81 -8.77 18.66 7.29
CA VAL A 81 -8.89 17.90 8.56
C VAL A 81 -9.61 16.62 8.34
N THR A 82 -9.07 15.50 8.81
CA THR A 82 -9.69 14.20 8.68
C THR A 82 -9.98 13.59 10.05
N LEU A 83 -11.23 13.13 10.25
CA LEU A 83 -11.61 12.56 11.54
C LEU A 83 -11.63 11.03 11.53
N TYR A 84 -10.97 10.42 12.51
CA TYR A 84 -11.05 8.99 12.79
C TYR A 84 -11.61 8.74 14.18
N ILE A 85 -12.38 7.69 14.32
CA ILE A 85 -12.74 7.17 15.63
C ILE A 85 -11.69 6.14 16.05
N TYR A 86 -10.96 6.43 17.09
CA TYR A 86 -10.01 5.53 17.68
C TYR A 86 -10.66 4.49 18.59
N ASP A 87 -11.60 4.90 19.40
CA ASP A 87 -12.29 4.04 20.33
C ASP A 87 -13.57 4.70 20.75
N TYR A 88 -14.50 3.93 21.25
CA TYR A 88 -15.74 4.42 21.79
C TYR A 88 -16.36 3.40 22.77
N ASP A 89 -17.25 3.85 23.66
CA ASP A 89 -18.02 2.94 24.53
C ASP A 89 -19.41 3.48 24.60
N TYR A 90 -20.17 3.07 25.59
CA TYR A 90 -21.59 3.50 25.67
C TYR A 90 -21.87 5.00 25.87
N LYS A 91 -20.91 5.76 26.42
CA LYS A 91 -21.10 7.20 26.53
C LYS A 91 -19.86 8.08 26.23
N ARG A 92 -18.84 7.49 25.69
CA ARG A 92 -17.62 8.21 25.33
C ARG A 92 -17.16 7.96 23.91
N LEU A 93 -16.57 8.98 23.32
CA LEU A 93 -15.98 8.94 22.03
C LEU A 93 -14.54 9.39 22.07
N HIS A 94 -13.65 8.57 21.63
CA HIS A 94 -12.25 8.80 21.61
C HIS A 94 -11.80 9.01 20.15
N LEU A 95 -11.55 10.26 19.77
CA LEU A 95 -11.31 10.63 18.36
C LEU A 95 -9.87 10.99 18.13
N PHE A 96 -9.43 10.82 16.90
CA PHE A 96 -8.13 11.18 16.45
C PHE A 96 -8.30 11.87 15.08
N LEU A 97 -7.82 13.10 15.00
CA LEU A 97 -7.92 13.91 13.77
C LEU A 97 -6.56 14.31 13.24
N THR A 98 -6.40 14.29 11.94
CA THR A 98 -5.20 14.75 11.28
C THR A 98 -5.50 16.02 10.54
N LEU A 99 -4.51 16.88 10.47
CA LEU A 99 -4.58 18.06 9.69
C LEU A 99 -3.35 18.02 8.76
N THR A 100 -3.67 17.97 7.45
CA THR A 100 -2.67 17.78 6.38
C THR A 100 -2.71 18.88 5.32
N LYS A 101 -1.54 19.16 4.75
CA LYS A 101 -1.48 20.13 3.66
C LYS A 101 -1.85 19.39 2.36
N GLU A 102 -1.98 20.13 1.29
CA GLU A 102 -2.35 19.50 -0.02
C GLU A 102 -1.35 18.45 -0.49
N ASP A 103 -0.09 18.64 -0.25
CA ASP A 103 0.87 17.63 -0.66
C ASP A 103 0.84 16.41 0.22
N GLY A 104 0.17 16.42 1.37
CA GLY A 104 0.06 15.23 2.15
C GLY A 104 0.83 15.32 3.45
N THR A 105 1.52 16.42 3.62
CA THR A 105 2.31 16.68 4.83
C THR A 105 1.45 16.78 6.10
N LEU A 106 1.76 15.95 7.08
CA LEU A 106 1.01 15.98 8.34
C LEU A 106 1.41 17.27 9.08
N ALA A 107 0.55 18.25 9.09
CA ALA A 107 0.82 19.49 9.81
C ALA A 107 0.52 19.47 11.33
N SER A 108 -0.51 18.78 11.72
CA SER A 108 -0.98 18.76 13.11
C SER A 108 -1.84 17.57 13.36
N THR A 109 -1.91 17.17 14.62
CA THR A 109 -2.79 16.10 15.02
C THR A 109 -3.58 16.52 16.30
N ASN A 110 -4.74 15.95 16.48
CA ASN A 110 -5.57 16.20 17.62
C ASN A 110 -6.23 14.93 18.09
N GLU A 111 -6.10 14.62 19.36
CA GLU A 111 -6.70 13.48 19.96
C GLU A 111 -7.66 14.01 21.02
N VAL A 112 -8.91 13.58 21.02
CA VAL A 112 -9.90 14.17 21.89
C VAL A 112 -10.83 13.12 22.52
N MET A 113 -11.18 13.31 23.76
CA MET A 113 -12.19 12.50 24.46
C MET A 113 -13.39 13.33 24.70
N MET A 114 -14.53 12.91 24.16
CA MET A 114 -15.80 13.55 24.41
C MET A 114 -16.69 12.60 25.19
N MET A 115 -17.64 13.17 25.92
CA MET A 115 -18.53 12.43 26.75
C MET A 115 -19.96 12.94 26.61
N GLY A 116 -20.89 12.01 26.50
CA GLY A 116 -22.29 12.32 26.41
C GLY A 116 -22.93 12.72 27.74
N ILE A 117 -23.79 13.73 27.70
CA ILE A 117 -24.32 14.34 28.87
C ILE A 117 -25.87 14.47 28.78
N ASN A 118 -26.55 13.96 29.79
CA ASN A 118 -28.04 14.19 29.92
C ASN A 118 -28.30 15.58 30.39
N GLN A 119 -28.97 16.37 29.56
CA GLN A 119 -29.14 17.82 29.82
C GLN A 119 -30.05 18.15 31.06
N HIS A 120 -30.96 17.25 31.43
CA HIS A 120 -31.79 17.43 32.64
C HIS A 120 -30.91 17.41 33.90
N THR A 121 -29.90 16.56 33.91
CA THR A 121 -29.05 16.38 35.09
C THR A 121 -27.64 16.93 34.95
N ARG A 122 -27.25 17.20 33.73
CA ARG A 122 -25.89 17.58 33.38
C ARG A 122 -24.86 16.61 33.96
N ARG A 123 -25.26 15.36 33.93
CA ARG A 123 -24.49 14.24 34.35
C ARG A 123 -24.32 13.34 33.11
N SER A 124 -23.29 12.52 33.11
CA SER A 124 -23.03 11.68 31.98
C SER A 124 -24.08 10.57 31.85
N ASP A 125 -24.33 10.10 30.64
CA ASP A 125 -25.35 9.06 30.39
C ASP A 125 -25.15 8.50 29.00
N ALA A 126 -25.63 7.28 28.80
CA ALA A 126 -25.44 6.56 27.56
C ALA A 126 -25.88 7.39 26.33
N PHE A 127 -25.16 7.21 25.22
CA PHE A 127 -25.57 7.85 23.97
C PHE A 127 -26.99 7.39 23.57
N PRO A 128 -27.79 8.28 22.97
CA PRO A 128 -29.03 7.81 22.34
C PRO A 128 -28.72 6.84 21.22
N GLU A 129 -29.63 5.92 20.94
CA GLU A 129 -29.39 4.86 19.97
C GLU A 129 -29.01 5.34 18.58
N SER A 130 -29.64 6.38 18.08
CA SER A 130 -29.34 6.86 16.72
C SER A 130 -27.84 7.27 16.60
N PHE A 131 -27.38 8.07 17.56
CA PHE A 131 -25.97 8.45 17.62
C PHE A 131 -25.03 7.25 17.75
N SER A 132 -25.35 6.35 18.66
CA SER A 132 -24.57 5.13 18.91
C SER A 132 -24.46 4.25 17.67
N THR A 133 -25.59 4.09 16.96
CA THR A 133 -25.61 3.34 15.68
C THR A 133 -24.69 4.01 14.65
N GLN A 134 -24.82 5.34 14.52
CA GLN A 134 -24.10 6.06 13.50
C GLN A 134 -22.61 6.08 13.77
N ILE A 135 -22.25 6.19 15.04
CA ILE A 135 -20.87 6.10 15.44
C ILE A 135 -20.29 4.74 15.19
N ALA A 136 -21.02 3.70 15.55
CA ALA A 136 -20.53 2.33 15.27
C ALA A 136 -20.32 2.08 13.78
N HIS A 137 -21.26 2.57 12.99
CA HIS A 137 -21.18 2.39 11.53
C HIS A 137 -19.97 3.12 10.95
N TYR A 138 -19.77 4.37 11.39
CA TYR A 138 -18.62 5.14 10.91
C TYR A 138 -17.34 4.42 11.22
N TYR A 139 -17.21 3.89 12.45
CA TYR A 139 -15.98 3.25 12.88
C TYR A 139 -15.75 1.98 11.99
N LYS A 140 -16.79 1.22 11.82
CA LYS A 140 -16.75 -0.01 11.02
C LYS A 140 -16.33 0.25 9.61
N ASN A 141 -16.65 1.43 9.11
CA ASN A 141 -16.56 1.74 7.68
C ASN A 141 -15.40 2.65 7.34
N GLN A 142 -14.61 2.97 8.37
CA GLN A 142 -13.45 3.81 8.25
C GLN A 142 -12.15 3.00 7.84
N PRO A 143 -11.27 3.60 7.06
CA PRO A 143 -9.98 3.02 6.63
C PRO A 143 -9.06 2.73 7.83
N THR A 144 -8.29 1.66 7.71
CA THR A 144 -7.34 1.27 8.73
C THR A 144 -6.32 2.32 8.44
N ILE A 145 -5.66 2.75 9.47
CA ILE A 145 -4.63 3.69 9.31
C ILE A 145 -3.52 3.20 10.22
N THR A 146 -2.30 3.42 9.81
CA THR A 146 -1.21 3.16 10.72
C THR A 146 -1.19 4.35 11.72
N TRP A 147 -1.61 4.13 12.95
CA TRP A 147 -1.79 5.24 13.90
C TRP A 147 -0.43 5.96 14.12
N PRO A 148 -0.40 7.24 13.89
CA PRO A 148 0.81 8.06 14.08
C PRO A 148 1.34 7.95 15.48
N GLU A 149 2.65 8.17 15.66
CA GLU A 149 3.26 8.09 16.97
C GLU A 149 2.75 9.22 17.91
N GLN A 150 2.13 10.23 17.35
CA GLN A 150 1.50 11.34 18.15
C GLN A 150 0.40 10.81 19.07
N LEU A 151 -0.27 9.75 18.61
CA LEU A 151 -1.38 9.18 19.33
C LEU A 151 -0.94 8.57 20.63
N GLY A 152 -1.45 9.06 21.74
CA GLY A 152 -1.05 8.58 23.05
C GLY A 152 0.28 9.11 23.60
N HIS A 153 0.91 9.99 22.87
CA HIS A 153 2.22 10.50 23.21
C HIS A 153 2.22 11.38 24.44
N LYS A 154 3.16 11.13 25.32
CA LYS A 154 3.32 11.87 26.57
C LYS A 154 4.31 13.00 26.39
N ILE A 155 3.91 14.20 26.87
CA ILE A 155 4.77 15.38 26.74
C ILE A 155 6.02 15.20 27.59
N ALA A 156 7.20 15.44 27.01
CA ALA A 156 8.46 15.24 27.78
C ALA A 156 9.64 15.86 27.08
N ILE A 157 10.54 16.47 27.84
CA ILE A 157 11.75 16.97 27.25
C ILE A 157 12.64 15.72 26.99
N PRO A 158 13.17 15.54 25.77
CA PRO A 158 13.97 14.25 25.59
C PRO A 158 15.25 14.19 26.42
N MET B 4 -16.17 16.39 1.30
CA MET B 4 -16.47 16.13 2.74
C MET B 4 -16.20 14.65 2.99
N ILE B 5 -16.92 13.73 2.36
CA ILE B 5 -16.72 12.27 2.66
C ILE B 5 -15.76 11.69 1.62
N LYS B 6 -14.58 11.36 2.03
CA LYS B 6 -13.59 10.82 1.11
C LYS B 6 -13.79 9.30 1.09
N GLN B 7 -13.30 8.69 0.00
CA GLN B 7 -13.57 7.25 -0.35
C GLN B 7 -12.33 6.49 -0.76
N LEU B 8 -12.18 5.29 -0.23
CA LEU B 8 -11.08 4.41 -0.56
C LEU B 8 -11.59 2.99 -0.91
N PHE B 9 -11.16 2.51 -2.07
CA PHE B 9 -11.44 1.13 -2.46
C PHE B 9 -10.53 0.12 -1.71
N THR B 10 -11.16 -0.86 -1.08
CA THR B 10 -10.48 -1.81 -0.26
C THR B 10 -10.97 -3.23 -0.45
N HIS B 11 -10.09 -4.17 -0.17
CA HIS B 11 -10.46 -5.61 -0.20
C HIS B 11 -9.78 -6.31 0.96
N THR B 12 -10.53 -7.01 1.75
CA THR B 12 -10.08 -7.72 2.94
C THR B 12 -10.15 -9.22 2.77
N GLN B 13 -9.11 -9.91 3.20
CA GLN B 13 -9.13 -11.37 3.17
C GLN B 13 -8.20 -11.97 4.20
N THR B 14 -8.23 -13.29 4.30
CA THR B 14 -7.39 -14.03 5.24
C THR B 14 -6.26 -14.86 4.57
N VAL B 15 -5.14 -14.96 5.22
CA VAL B 15 -4.05 -15.81 4.76
C VAL B 15 -4.44 -17.26 4.99
N THR B 16 -4.50 -18.04 3.90
CA THR B 16 -4.84 -19.45 3.97
C THR B 16 -3.62 -20.29 3.62
N SER B 17 -3.76 -21.60 3.83
CA SER B 17 -2.63 -22.55 3.77
C SER B 17 -1.86 -22.59 2.48
N GLU B 18 -2.54 -22.51 1.36
CA GLU B 18 -1.87 -22.47 0.07
C GLU B 18 -0.92 -21.28 -0.10
N PHE B 19 -1.04 -20.25 0.73
CA PHE B 19 -0.17 -19.04 0.59
C PHE B 19 1.16 -19.18 1.34
N ILE B 20 1.30 -20.21 2.17
CA ILE B 20 2.41 -20.29 3.10
C ILE B 20 3.62 -21.02 2.50
N ASP B 21 4.82 -20.47 2.71
CA ASP B 21 6.06 -21.03 2.17
C ASP B 21 6.80 -21.86 3.24
N HIS B 22 8.07 -22.24 2.95
CA HIS B 22 8.86 -22.94 3.99
C HIS B 22 9.40 -22.05 5.09
N ASN B 23 9.19 -20.76 5.00
CA ASN B 23 9.53 -19.84 6.08
C ASN B 23 8.34 -19.60 7.01
N ASN B 24 7.29 -20.39 6.79
CA ASN B 24 6.07 -20.32 7.59
C ASN B 24 5.36 -19.00 7.62
N HIS B 25 5.48 -18.23 6.54
CA HIS B 25 4.66 -17.05 6.37
C HIS B 25 4.25 -16.97 4.89
N MET B 26 3.53 -15.94 4.55
CA MET B 26 2.99 -15.80 3.23
C MET B 26 4.16 -15.63 2.24
N HIS B 27 4.13 -16.45 1.21
CA HIS B 27 5.21 -16.48 0.18
C HIS B 27 5.23 -15.16 -0.56
N ASP B 28 6.39 -14.70 -0.94
CA ASP B 28 6.53 -13.38 -1.56
C ASP B 28 5.64 -13.18 -2.82
N ALA B 29 5.60 -14.17 -3.70
CA ALA B 29 4.85 -14.06 -4.93
C ALA B 29 3.30 -13.98 -4.72
N ASN B 30 2.83 -14.55 -3.62
CA ASN B 30 1.42 -14.52 -3.27
C ASN B 30 0.91 -13.09 -2.97
N TYR B 31 1.84 -12.26 -2.53
CA TYR B 31 1.52 -10.82 -2.35
C TYR B 31 1.19 -10.22 -3.73
N ASN B 32 1.97 -10.57 -4.73
CA ASN B 32 1.76 -10.05 -6.08
C ASN B 32 0.48 -10.59 -6.69
N ILE B 33 0.19 -11.87 -6.45
CA ILE B 33 -1.11 -12.42 -6.79
C ILE B 33 -2.30 -11.57 -6.26
N ILE B 34 -2.21 -11.27 -4.99
CA ILE B 34 -3.25 -10.52 -4.29
C ILE B 34 -3.39 -9.11 -4.81
N PHE B 35 -2.25 -8.41 -4.92
CA PHE B 35 -2.26 -7.05 -5.43
C PHE B 35 -2.84 -6.99 -6.86
N SER B 36 -2.40 -7.89 -7.72
CA SER B 36 -2.91 -7.93 -9.07
C SER B 36 -4.44 -8.13 -9.06
N ASP B 37 -4.93 -9.04 -8.24
CA ASP B 37 -6.36 -9.26 -8.14
C ASP B 37 -7.15 -8.02 -7.66
N VAL B 38 -6.62 -7.34 -6.65
CA VAL B 38 -7.24 -6.16 -6.17
C VAL B 38 -7.25 -5.02 -7.22
N VAL B 39 -6.16 -4.85 -7.95
CA VAL B 39 -6.13 -3.92 -9.05
C VAL B 39 -7.22 -4.23 -10.06
N ASN B 40 -7.37 -5.53 -10.36
CA ASN B 40 -8.37 -5.94 -11.29
C ASN B 40 -9.81 -5.70 -10.76
N ARG B 41 -10.05 -5.96 -9.49
CA ARG B 41 -11.35 -5.64 -8.90
C ARG B 41 -11.72 -4.16 -8.99
N PHE B 42 -10.69 -3.35 -8.77
CA PHE B 42 -10.83 -1.91 -8.93
C PHE B 42 -11.23 -1.52 -10.36
N ASN B 43 -10.44 -1.96 -11.32
CA ASN B 43 -10.73 -1.71 -12.75
C ASN B 43 -12.05 -2.24 -13.20
N TYR B 44 -12.42 -3.42 -12.70
CA TYR B 44 -13.69 -3.99 -13.06
C TYR B 44 -14.88 -3.19 -12.52
N SER B 45 -14.70 -2.48 -11.44
CA SER B 45 -15.78 -1.68 -10.83
C SER B 45 -15.73 -0.23 -11.22
N HIS B 46 -14.77 0.18 -12.06
CA HIS B 46 -14.60 1.54 -12.44
C HIS B 46 -14.61 1.82 -13.94
N GLY B 47 -15.24 0.92 -14.70
CA GLY B 47 -15.50 1.18 -16.11
C GLY B 47 -14.93 0.13 -17.06
N LEU B 48 -14.10 -0.81 -16.55
CA LEU B 48 -13.57 -1.88 -17.39
C LEU B 48 -13.77 -3.23 -16.81
N SER B 49 -15.04 -3.58 -16.53
CA SER B 49 -15.37 -4.97 -16.25
C SER B 49 -14.99 -5.83 -17.50
N LEU B 50 -14.93 -7.14 -17.31
CA LEU B 50 -14.66 -8.05 -18.41
C LEU B 50 -15.64 -7.86 -19.61
N LYS B 51 -16.92 -7.78 -19.28
CA LYS B 51 -17.97 -7.52 -20.31
C LYS B 51 -17.75 -6.17 -21.05
N GLU B 52 -17.41 -5.14 -20.27
CA GLU B 52 -17.13 -3.80 -20.85
C GLU B 52 -15.90 -3.83 -21.69
N ARG B 53 -14.88 -4.58 -21.26
CA ARG B 53 -13.68 -4.75 -22.08
C ARG B 53 -14.02 -5.37 -23.41
N GLU B 54 -14.90 -6.36 -23.38
CA GLU B 54 -15.31 -7.02 -24.59
C GLU B 54 -16.09 -6.10 -25.52
N ASN B 55 -17.03 -5.35 -24.98
CA ASN B 55 -17.84 -4.39 -25.69
C ASN B 55 -17.07 -3.20 -26.28
N LEU B 56 -16.08 -2.73 -25.53
CA LEU B 56 -15.29 -1.61 -25.94
C LEU B 56 -14.02 -2.00 -26.70
N ALA B 57 -13.72 -3.29 -26.76
CA ALA B 57 -12.49 -3.85 -27.35
C ALA B 57 -11.27 -3.14 -26.78
N TYR B 58 -11.23 -3.09 -25.44
CA TYR B 58 -10.21 -2.34 -24.70
C TYR B 58 -9.80 -3.13 -23.47
N THR B 59 -8.53 -3.07 -23.12
CA THR B 59 -8.07 -3.70 -21.90
C THR B 59 -6.95 -2.91 -21.27
N LEU B 60 -6.38 -3.46 -20.19
CA LEU B 60 -5.19 -2.85 -19.56
C LEU B 60 -4.09 -3.90 -19.39
N PHE B 61 -2.86 -3.52 -19.64
CA PHE B 61 -1.69 -4.36 -19.39
C PHE B 61 -0.91 -3.73 -18.26
N THR B 62 -0.27 -4.56 -17.47
CA THR B 62 0.71 -4.10 -16.47
C THR B 62 2.06 -3.82 -17.18
N LEU B 63 2.68 -2.68 -16.92
CA LEU B 63 3.98 -2.35 -17.52
C LEU B 63 5.13 -2.58 -16.58
N GLU B 64 4.90 -2.32 -15.30
CA GLU B 64 5.98 -2.27 -14.32
C GLU B 64 5.41 -2.25 -12.94
N GLU B 65 6.11 -2.81 -11.96
CA GLU B 65 5.62 -2.86 -10.62
C GLU B 65 6.73 -3.03 -9.61
N HIS B 66 6.48 -2.50 -8.41
CA HIS B 66 7.46 -2.51 -7.31
C HIS B 66 6.77 -2.94 -6.04
N THR B 67 7.26 -3.99 -5.40
CA THR B 67 6.61 -4.52 -4.20
C THR B 67 7.60 -4.47 -3.05
N THR B 68 7.14 -4.01 -1.89
CA THR B 68 7.95 -4.05 -0.68
C THR B 68 7.27 -4.95 0.36
N TYR B 69 8.08 -5.72 1.08
CA TYR B 69 7.62 -6.70 2.08
C TYR B 69 8.15 -6.23 3.43
N LEU B 70 7.27 -5.62 4.24
CA LEU B 70 7.69 -4.91 5.46
C LEU B 70 7.48 -5.69 6.72
N SER B 71 6.46 -6.52 6.75
CA SER B 71 6.11 -7.27 7.97
C SER B 71 5.45 -8.56 7.53
N GLU B 72 5.84 -9.68 8.12
CA GLU B 72 5.34 -10.95 7.68
C GLU B 72 3.86 -11.17 8.03
N LEU B 73 3.21 -11.99 7.21
CA LEU B 73 1.86 -12.41 7.49
C LEU B 73 1.82 -13.92 7.71
N SER B 74 1.12 -14.36 8.73
CA SER B 74 1.05 -15.73 9.17
C SER B 74 -0.29 -16.30 8.84
N LEU B 75 -0.36 -17.65 8.85
CA LEU B 75 -1.56 -18.38 8.54
C LEU B 75 -2.72 -17.84 9.42
N GLY B 76 -3.82 -17.46 8.80
CA GLY B 76 -5.01 -17.01 9.57
C GLY B 76 -5.02 -15.51 9.83
N ASP B 77 -3.94 -14.80 9.50
CA ASP B 77 -3.92 -13.34 9.57
C ASP B 77 -4.96 -12.75 8.63
N VAL B 78 -5.70 -11.75 9.12
CA VAL B 78 -6.63 -11.02 8.29
C VAL B 78 -5.91 -9.73 7.85
N PHE B 79 -6.06 -9.36 6.57
CA PHE B 79 -5.42 -8.19 6.06
C PHE B 79 -6.32 -7.45 5.10
N THR B 80 -6.01 -6.19 4.87
CA THR B 80 -6.74 -5.35 3.95
C THR B 80 -5.80 -4.67 2.96
N VAL B 81 -6.19 -4.75 1.67
CA VAL B 81 -5.50 -4.03 0.61
C VAL B 81 -6.30 -2.77 0.31
N THR B 82 -5.62 -1.63 0.31
CA THR B 82 -6.20 -0.35 -0.06
C THR B 82 -5.53 0.22 -1.30
N LEU B 83 -6.35 0.65 -2.26
CA LEU B 83 -5.88 1.20 -3.50
C LEU B 83 -5.97 2.73 -3.57
N TYR B 84 -4.86 3.34 -3.92
CA TYR B 84 -4.76 4.76 -4.23
C TYR B 84 -4.34 4.96 -5.68
N ILE B 85 -4.88 6.01 -6.30
CA ILE B 85 -4.34 6.48 -7.55
C ILE B 85 -3.30 7.56 -7.23
N TYR B 86 -2.06 7.30 -7.61
CA TYR B 86 -0.99 8.23 -7.44
C TYR B 86 -0.93 9.24 -8.58
N ASP B 87 -1.08 8.74 -9.81
CA ASP B 87 -1.05 9.60 -11.01
C ASP B 87 -1.73 8.91 -12.13
N TYR B 88 -2.16 9.66 -13.13
CA TYR B 88 -2.75 9.12 -14.33
C TYR B 88 -2.66 10.10 -15.47
N ASP B 89 -2.72 9.61 -16.70
CA ASP B 89 -2.81 10.46 -17.88
C ASP B 89 -3.85 9.86 -18.79
N TYR B 90 -3.82 10.19 -20.07
CA TYR B 90 -4.90 9.81 -20.97
C TYR B 90 -4.91 8.29 -21.30
N LYS B 91 -3.81 7.60 -21.05
CA LYS B 91 -3.76 6.13 -21.26
C LYS B 91 -2.96 5.34 -20.23
N ARG B 92 -2.52 5.97 -19.18
CA ARG B 92 -1.73 5.32 -18.11
C ARG B 92 -2.35 5.54 -16.73
N LEU B 93 -2.22 4.54 -15.87
CA LEU B 93 -2.65 4.56 -14.50
C LEU B 93 -1.51 4.17 -13.57
N HIS B 94 -1.11 5.09 -12.69
CA HIS B 94 -0.03 4.89 -11.77
C HIS B 94 -0.59 4.69 -10.36
N LEU B 95 -0.56 3.46 -9.86
CA LEU B 95 -1.27 3.08 -8.64
C LEU B 95 -0.32 2.79 -7.49
N PHE B 96 -0.80 2.99 -6.29
CA PHE B 96 -0.12 2.65 -5.10
C PHE B 96 -1.08 1.98 -4.16
N LEU B 97 -0.72 0.78 -3.73
CA LEU B 97 -1.53 -0.04 -2.86
C LEU B 97 -0.83 -0.34 -1.57
N THR B 98 -1.57 -0.34 -0.47
CA THR B 98 -1.07 -0.76 0.80
C THR B 98 -1.74 -2.02 1.25
N LEU B 99 -1.00 -2.85 2.00
CA LEU B 99 -1.52 -4.06 2.57
C LEU B 99 -1.18 -3.95 4.05
N THR B 100 -2.25 -3.89 4.87
CA THR B 100 -2.12 -3.65 6.28
C THR B 100 -2.83 -4.75 7.11
N LYS B 101 -2.24 -5.01 8.26
CA LYS B 101 -2.82 -5.93 9.23
C LYS B 101 -4.02 -5.24 9.95
N GLU B 102 -4.78 -6.03 10.69
CA GLU B 102 -5.96 -5.49 11.45
C GLU B 102 -5.64 -4.32 12.39
N ASP B 103 -4.45 -4.29 13.00
CA ASP B 103 -4.10 -3.15 13.88
C ASP B 103 -3.59 -1.93 13.14
N GLY B 104 -3.44 -2.04 11.83
CA GLY B 104 -2.96 -0.93 11.06
C GLY B 104 -1.49 -1.00 10.67
N THR B 105 -0.79 -2.04 11.10
CA THR B 105 0.59 -2.26 10.74
C THR B 105 0.71 -2.44 9.21
N LEU B 106 1.65 -1.69 8.64
CA LEU B 106 1.88 -1.77 7.21
C LEU B 106 2.69 -3.04 6.87
N ALA B 107 2.08 -4.01 6.21
CA ALA B 107 2.80 -5.31 5.92
C ALA B 107 3.44 -5.30 4.54
N SER B 108 2.86 -4.60 3.57
CA SER B 108 3.45 -4.59 2.24
C SER B 108 2.94 -3.40 1.46
N THR B 109 3.71 -2.96 0.49
CA THR B 109 3.23 -2.00 -0.46
C THR B 109 3.44 -2.47 -1.90
N ASN B 110 2.60 -1.93 -2.80
CA ASN B 110 2.78 -2.21 -4.23
C ASN B 110 2.58 -0.94 -5.04
N GLU B 111 3.49 -0.63 -5.90
CA GLU B 111 3.36 0.47 -6.84
C GLU B 111 3.30 -0.15 -8.25
N VAL B 112 2.35 0.26 -9.06
CA VAL B 112 2.13 -0.38 -10.33
C VAL B 112 1.77 0.58 -11.42
N MET B 113 2.35 0.42 -12.59
CA MET B 113 1.98 1.19 -13.78
C MET B 113 1.15 0.26 -14.75
N MET B 114 -0.03 0.72 -15.12
CA MET B 114 -0.92 0.02 -16.04
C MET B 114 -1.07 0.92 -17.28
N MET B 115 -1.21 0.29 -18.44
CA MET B 115 -1.44 1.02 -19.68
C MET B 115 -2.64 0.52 -20.40
N GLY B 116 -3.44 1.45 -20.94
CA GLY B 116 -4.65 1.10 -21.67
C GLY B 116 -4.30 0.58 -23.06
N ILE B 117 -4.99 -0.44 -23.49
CA ILE B 117 -4.67 -1.14 -24.71
C ILE B 117 -5.92 -1.34 -25.58
N ASN B 118 -5.80 -0.95 -26.85
CA ASN B 118 -6.77 -1.32 -27.90
C ASN B 118 -6.66 -2.76 -28.26
N GLN B 119 -7.71 -3.52 -28.03
CA GLN B 119 -7.68 -4.96 -28.29
C GLN B 119 -7.55 -5.33 -29.76
N HIS B 120 -8.07 -4.50 -30.63
CA HIS B 120 -7.98 -4.74 -32.11
C HIS B 120 -6.49 -4.68 -32.56
N THR B 121 -5.71 -3.78 -32.01
CA THR B 121 -4.30 -3.62 -32.37
C THR B 121 -3.32 -4.18 -31.37
N ARG B 122 -3.79 -4.43 -30.14
CA ARG B 122 -2.88 -4.74 -29.02
C ARG B 122 -1.81 -3.72 -28.80
N ARG B 123 -2.09 -2.46 -29.09
CA ARG B 123 -1.21 -1.37 -28.85
C ARG B 123 -1.88 -0.36 -27.91
N SER B 124 -1.10 0.50 -27.31
CA SER B 124 -1.60 1.48 -26.38
C SER B 124 -2.56 2.48 -27.08
N ASP B 125 -3.56 2.92 -26.36
CA ASP B 125 -4.55 3.87 -26.88
C ASP B 125 -5.25 4.54 -25.70
N ALA B 126 -5.85 5.70 -25.94
CA ALA B 126 -6.50 6.48 -24.93
C ALA B 126 -7.59 5.69 -24.20
N PHE B 127 -7.71 5.94 -22.88
CA PHE B 127 -8.79 5.35 -22.09
C PHE B 127 -10.16 5.72 -22.71
N PRO B 128 -11.10 4.82 -22.73
CA PRO B 128 -12.49 5.17 -23.10
C PRO B 128 -13.07 6.12 -22.07
N GLU B 129 -14.09 6.90 -22.48
CA GLU B 129 -14.50 8.07 -21.67
C GLU B 129 -15.09 7.65 -20.28
N SER B 130 -15.79 6.52 -20.23
CA SER B 130 -16.41 6.10 -19.00
C SER B 130 -15.37 5.78 -17.93
N PHE B 131 -14.37 4.99 -18.35
CA PHE B 131 -13.24 4.63 -17.47
C PHE B 131 -12.48 5.88 -17.03
N SER B 132 -12.16 6.74 -17.99
CA SER B 132 -11.42 7.98 -17.69
C SER B 132 -12.16 8.85 -16.68
N THR B 133 -13.48 8.99 -16.89
CA THR B 133 -14.34 9.72 -15.96
C THR B 133 -14.31 9.14 -14.55
N GLN B 134 -14.46 7.83 -14.47
CA GLN B 134 -14.52 7.18 -13.16
C GLN B 134 -13.19 7.20 -12.43
N ILE B 135 -12.10 7.08 -13.18
CA ILE B 135 -10.77 7.20 -12.63
C ILE B 135 -10.52 8.62 -12.09
N ALA B 136 -10.87 9.62 -12.89
CA ALA B 136 -10.76 11.01 -12.41
C ALA B 136 -11.55 11.28 -11.15
N HIS B 137 -12.77 10.78 -11.10
CA HIS B 137 -13.65 10.95 -9.95
C HIS B 137 -13.08 10.23 -8.71
N TYR B 138 -12.52 9.05 -8.90
CA TYR B 138 -11.92 8.32 -7.75
C TYR B 138 -10.74 9.10 -7.22
N TYR B 139 -9.87 9.56 -8.10
CA TYR B 139 -8.74 10.33 -7.71
C TYR B 139 -9.19 11.60 -6.93
N LYS B 140 -10.26 12.19 -7.38
CA LYS B 140 -10.76 13.44 -6.76
C LYS B 140 -11.32 13.19 -5.35
N ASN B 141 -11.97 12.06 -5.15
CA ASN B 141 -12.62 11.75 -3.88
C ASN B 141 -11.77 11.02 -2.93
N GLN B 142 -10.54 10.75 -3.31
CA GLN B 142 -9.64 9.92 -2.52
C GLN B 142 -8.97 10.78 -1.38
N PRO B 143 -8.81 10.24 -0.22
CA PRO B 143 -8.12 10.94 0.91
C PRO B 143 -6.66 11.29 0.56
N THR B 144 -6.17 12.33 1.19
CA THR B 144 -4.85 12.81 0.91
C THR B 144 -3.98 12.19 1.93
N ILE B 145 -3.19 11.22 1.52
CA ILE B 145 -2.29 10.44 2.35
C ILE B 145 -0.87 11.01 2.35
N THR B 146 -0.09 10.69 3.37
CA THR B 146 1.29 11.10 3.39
C THR B 146 1.92 9.85 2.74
N TRP B 147 2.44 10.01 1.54
CA TRP B 147 2.96 8.87 0.76
C TRP B 147 4.12 8.24 1.48
N PRO B 148 4.06 6.93 1.74
CA PRO B 148 5.14 6.22 2.43
C PRO B 148 6.44 6.29 1.63
N GLU B 149 7.56 6.12 2.33
CA GLU B 149 8.87 6.20 1.73
C GLU B 149 9.08 5.11 0.70
N GLN B 150 8.31 4.02 0.73
CA GLN B 150 8.45 2.93 -0.29
C GLN B 150 8.16 3.41 -1.70
N LEU B 151 7.30 4.41 -1.81
CA LEU B 151 6.93 4.97 -3.12
C LEU B 151 8.10 5.60 -3.81
N GLY B 152 8.45 5.05 -4.97
CA GLY B 152 9.58 5.42 -5.79
C GLY B 152 10.94 5.02 -5.24
N HIS B 153 10.95 4.18 -4.24
CA HIS B 153 12.18 3.74 -3.60
C HIS B 153 12.97 2.88 -4.57
N LYS B 154 14.28 3.11 -4.59
CA LYS B 154 15.21 2.37 -5.47
C LYS B 154 15.92 1.29 -4.68
N ILE B 155 15.91 0.06 -5.18
CA ILE B 155 16.55 -1.06 -4.48
C ILE B 155 18.08 -0.84 -4.43
N ALA B 156 18.64 -1.00 -3.24
CA ALA B 156 20.08 -0.76 -3.03
C ALA B 156 20.54 -1.33 -1.69
N ILE B 157 21.75 -1.89 -1.69
CA ILE B 157 22.28 -2.40 -0.46
C ILE B 157 22.81 -1.15 0.26
N PRO B 158 22.44 -0.94 1.53
CA PRO B 158 22.82 0.34 2.13
C PRO B 158 24.17 0.31 2.80
N GLN C 7 30.11 -18.41 -15.85
CA GLN C 7 28.89 -19.19 -15.75
C GLN C 7 27.67 -18.46 -15.14
N LEU C 8 26.48 -18.90 -15.58
CA LEU C 8 25.24 -18.21 -15.34
C LEU C 8 24.21 -19.28 -15.06
N PHE C 9 23.51 -19.09 -13.95
CA PHE C 9 22.43 -19.97 -13.58
C PHE C 9 21.20 -19.59 -14.40
N THR C 10 20.57 -20.58 -15.00
CA THR C 10 19.38 -20.36 -15.82
C THR C 10 18.32 -21.46 -15.53
N HIS C 11 17.09 -21.18 -15.96
CA HIS C 11 15.99 -22.10 -15.83
C HIS C 11 15.07 -21.85 -17.03
N THR C 12 14.69 -22.92 -17.74
CA THR C 12 13.93 -22.81 -18.94
C THR C 12 12.58 -23.48 -18.78
N GLN C 13 11.54 -22.86 -19.27
CA GLN C 13 10.22 -23.45 -19.17
C GLN C 13 9.30 -22.95 -20.24
N THR C 14 8.11 -23.52 -20.30
CA THR C 14 7.11 -23.13 -21.31
C THR C 14 5.87 -22.53 -20.63
N VAL C 15 5.26 -21.58 -21.32
CA VAL C 15 3.98 -21.00 -20.91
C VAL C 15 2.85 -22.02 -21.09
N THR C 16 2.20 -22.37 -20.00
CA THR C 16 1.06 -23.30 -20.03
C THR C 16 -0.24 -22.55 -19.81
N SER C 17 -1.35 -23.26 -20.01
CA SER C 17 -2.69 -22.67 -19.97
C SER C 17 -3.06 -22.03 -18.62
N GLU C 18 -2.59 -22.61 -17.53
CA GLU C 18 -2.88 -22.07 -16.20
C GLU C 18 -2.24 -20.68 -15.97
N PHE C 19 -1.28 -20.29 -16.82
CA PHE C 19 -0.62 -18.99 -16.70
C PHE C 19 -1.38 -17.88 -17.41
N ILE C 20 -2.31 -18.25 -18.30
CA ILE C 20 -2.93 -17.31 -19.20
C ILE C 20 -4.13 -16.54 -18.55
N ASP C 21 -4.19 -15.23 -18.77
CA ASP C 21 -5.22 -14.42 -18.18
C ASP C 21 -6.31 -14.10 -19.25
N HIS C 22 -7.23 -13.21 -18.92
CA HIS C 22 -8.25 -12.79 -19.89
C HIS C 22 -7.71 -11.89 -21.00
N ASN C 23 -6.44 -11.52 -20.93
CA ASN C 23 -5.80 -10.82 -22.04
C ASN C 23 -5.12 -11.76 -23.05
N ASN C 24 -5.31 -13.07 -22.81
CA ASN C 24 -4.71 -14.10 -23.61
C ASN C 24 -3.18 -14.14 -23.64
N HIS C 25 -2.54 -13.64 -22.59
CA HIS C 25 -1.17 -13.87 -22.41
C HIS C 25 -0.86 -14.15 -20.95
N MET C 26 0.39 -14.33 -20.64
CA MET C 26 0.79 -14.73 -19.31
C MET C 26 0.45 -13.60 -18.32
N HIS C 27 -0.30 -13.94 -17.29
CA HIS C 27 -0.76 -13.00 -16.26
C HIS C 27 0.45 -12.39 -15.54
N ASP C 28 0.34 -11.16 -15.14
CA ASP C 28 1.49 -10.43 -14.60
C ASP C 28 2.09 -11.08 -13.35
N ALA C 29 1.24 -11.52 -12.43
CA ALA C 29 1.72 -12.16 -11.18
C ALA C 29 2.38 -13.54 -11.39
N ASN C 30 2.05 -14.20 -12.47
CA ASN C 30 2.69 -15.47 -12.79
C ASN C 30 4.21 -15.33 -13.12
N TYR C 31 4.57 -14.16 -13.66
CA TYR C 31 5.99 -13.86 -13.83
C TYR C 31 6.67 -13.82 -12.46
N ASN C 32 6.05 -13.15 -11.49
CA ASN C 32 6.57 -13.16 -10.12
C ASN C 32 6.71 -14.54 -9.51
N ILE C 33 5.69 -15.35 -9.72
CA ILE C 33 5.76 -16.76 -9.24
C ILE C 33 7.05 -17.44 -9.81
N ILE C 34 7.28 -17.23 -11.10
CA ILE C 34 8.44 -17.87 -11.77
C ILE C 34 9.77 -17.31 -11.26
N PHE C 35 9.89 -16.00 -11.23
CA PHE C 35 11.11 -15.36 -10.71
C PHE C 35 11.44 -15.79 -9.28
N SER C 36 10.43 -15.84 -8.44
CA SER C 36 10.63 -16.29 -7.08
C SER C 36 11.12 -17.76 -7.05
N ASP C 37 10.48 -18.62 -7.83
CA ASP C 37 10.94 -20.01 -7.91
C ASP C 37 12.41 -20.16 -8.42
N VAL C 38 12.79 -19.36 -9.39
CA VAL C 38 14.15 -19.39 -9.92
C VAL C 38 15.20 -18.91 -8.90
N VAL C 39 14.86 -17.85 -8.16
CA VAL C 39 15.69 -17.36 -7.08
C VAL C 39 15.88 -18.45 -6.04
N ASN C 40 14.81 -19.17 -5.75
CA ASN C 40 14.84 -20.27 -4.82
C ASN C 40 15.70 -21.43 -5.32
N ARG C 41 15.56 -21.80 -6.58
CA ARG C 41 16.41 -22.84 -7.17
C ARG C 41 17.88 -22.48 -7.06
N PHE C 42 18.19 -21.25 -7.35
CA PHE C 42 19.54 -20.77 -7.20
C PHE C 42 20.09 -20.90 -5.82
N ASN C 43 19.35 -20.35 -4.87
CA ASN C 43 19.78 -20.41 -3.46
C ASN C 43 19.85 -21.83 -2.92
N TYR C 44 18.93 -22.68 -3.36
CA TYR C 44 18.93 -24.05 -2.98
C TYR C 44 20.18 -24.77 -3.48
N SER C 45 20.69 -24.36 -4.64
CA SER C 45 21.86 -25.02 -5.28
C SER C 45 23.17 -24.34 -4.92
N HIS C 46 23.15 -23.29 -4.09
CA HIS C 46 24.35 -22.55 -3.74
C HIS C 46 24.61 -22.35 -2.26
N GLY C 47 24.20 -23.30 -1.43
CA GLY C 47 24.53 -23.26 -0.01
C GLY C 47 23.38 -23.15 0.97
N LEU C 48 22.16 -22.92 0.45
CA LEU C 48 20.99 -22.87 1.33
C LEU C 48 19.84 -23.64 0.79
N SER C 49 20.05 -24.94 0.66
CA SER C 49 18.95 -25.86 0.40
C SER C 49 18.04 -25.86 1.63
N LEU C 50 16.83 -26.39 1.47
CA LEU C 50 15.90 -26.45 2.59
C LEU C 50 16.52 -27.23 3.79
N LYS C 51 17.20 -28.32 3.44
CA LYS C 51 17.95 -29.13 4.43
C LYS C 51 19.02 -28.32 5.11
N GLU C 52 19.79 -27.56 4.33
CA GLU C 52 20.84 -26.69 4.87
C GLU C 52 20.28 -25.58 5.70
N ARG C 53 19.12 -25.09 5.31
CA ARG C 53 18.42 -24.09 6.08
C ARG C 53 17.97 -24.64 7.44
N GLU C 54 17.47 -25.85 7.45
CA GLU C 54 17.03 -26.49 8.71
C GLU C 54 18.24 -26.78 9.61
N ASN C 55 19.27 -27.28 9.02
CA ASN C 55 20.47 -27.57 9.72
C ASN C 55 21.13 -26.36 10.32
N LEU C 56 21.25 -25.32 9.53
CA LEU C 56 21.93 -24.09 9.94
C LEU C 56 21.03 -23.14 10.73
N ALA C 57 19.75 -23.49 10.87
CA ALA C 57 18.74 -22.56 11.43
C ALA C 57 18.83 -21.14 10.82
N TYR C 58 18.80 -21.11 9.49
CA TYR C 58 19.01 -19.90 8.75
C TYR C 58 18.13 -19.91 7.48
N THR C 59 17.60 -18.74 7.12
CA THR C 59 16.86 -18.61 5.88
C THR C 59 17.03 -17.27 5.24
N LEU C 60 16.28 -17.03 4.15
CA LEU C 60 16.33 -15.80 3.40
C LEU C 60 14.90 -15.30 3.22
N PHE C 61 14.69 -14.03 3.48
CA PHE C 61 13.42 -13.35 3.19
C PHE C 61 13.62 -12.37 2.04
N THR C 62 12.56 -12.21 1.24
CA THR C 62 12.48 -11.15 0.26
C THR C 62 12.08 -9.85 0.93
N LEU C 63 12.77 -8.78 0.61
CA LEU C 63 12.54 -7.48 1.18
C LEU C 63 11.86 -6.57 0.20
N GLU C 64 12.24 -6.65 -1.06
CA GLU C 64 11.78 -5.68 -2.06
C GLU C 64 12.03 -6.28 -3.43
N GLU C 65 11.15 -5.96 -4.40
CA GLU C 65 11.33 -6.42 -5.74
C GLU C 65 10.70 -5.49 -6.74
N HIS C 66 11.26 -5.48 -7.96
CA HIS C 66 10.80 -4.61 -9.03
C HIS C 66 10.73 -5.44 -10.29
N THR C 67 9.56 -5.51 -10.92
CA THR C 67 9.38 -6.28 -12.14
C THR C 67 8.99 -5.40 -13.28
N THR C 68 9.58 -5.62 -14.46
CA THR C 68 9.18 -4.89 -15.70
C THR C 68 8.60 -5.93 -16.69
N TYR C 69 7.56 -5.58 -17.40
CA TYR C 69 6.84 -6.44 -18.32
C TYR C 69 7.02 -5.80 -19.73
N LEU C 70 8.00 -6.26 -20.47
CA LEU C 70 8.45 -5.57 -21.69
C LEU C 70 7.76 -6.13 -22.93
N SER C 71 7.62 -7.46 -23.02
CA SER C 71 7.06 -8.07 -24.20
C SER C 71 6.22 -9.27 -23.72
N GLU C 72 5.06 -9.44 -24.31
CA GLU C 72 4.12 -10.44 -23.81
C GLU C 72 4.54 -11.87 -24.15
N LEU C 73 4.08 -12.82 -23.33
CA LEU C 73 4.31 -14.22 -23.56
C LEU C 73 3.00 -14.95 -23.82
N SER C 74 2.97 -15.77 -24.84
CA SER C 74 1.75 -16.43 -25.28
C SER C 74 1.85 -17.88 -24.93
N LEU C 75 0.69 -18.53 -24.95
CA LEU C 75 0.55 -19.97 -24.72
C LEU C 75 1.52 -20.75 -25.57
N GLY C 76 2.33 -21.59 -24.93
CA GLY C 76 3.32 -22.46 -25.68
C GLY C 76 4.70 -21.80 -25.86
N ASP C 77 4.83 -20.50 -25.57
CA ASP C 77 6.16 -19.82 -25.69
C ASP C 77 7.14 -20.47 -24.75
N VAL C 78 8.36 -20.71 -25.24
CA VAL C 78 9.43 -21.17 -24.44
C VAL C 78 10.28 -19.97 -24.01
N PHE C 79 10.68 -19.93 -22.75
CA PHE C 79 11.49 -18.87 -22.24
C PHE C 79 12.55 -19.33 -21.28
N THR C 80 13.54 -18.48 -21.11
CA THR C 80 14.65 -18.74 -20.19
C THR C 80 14.87 -17.59 -19.22
N VAL C 81 15.00 -17.96 -17.96
CA VAL C 81 15.28 -16.99 -16.87
C VAL C 81 16.75 -17.13 -16.58
N THR C 82 17.47 -16.01 -16.62
CA THR C 82 18.89 -15.99 -16.23
C THR C 82 19.04 -15.15 -14.96
N LEU C 83 19.77 -15.67 -13.99
CA LEU C 83 20.03 -15.01 -12.72
C LEU C 83 21.41 -14.37 -12.69
N TYR C 84 21.44 -13.09 -12.35
CA TYR C 84 22.67 -12.35 -12.11
C TYR C 84 22.70 -11.83 -10.66
N ILE C 85 23.88 -11.79 -10.09
CA ILE C 85 24.10 -11.03 -8.82
C ILE C 85 24.63 -9.66 -9.18
N TYR C 86 23.83 -8.63 -8.89
CA TYR C 86 24.27 -7.26 -9.08
C TYR C 86 25.17 -6.78 -7.94
N ASP C 87 24.85 -7.19 -6.71
CA ASP C 87 25.57 -6.69 -5.51
C ASP C 87 25.22 -7.59 -4.36
N TYR C 88 26.02 -7.51 -3.29
CA TYR C 88 25.83 -8.31 -2.10
C TYR C 88 26.69 -7.76 -0.95
N ASP C 89 26.29 -8.00 0.29
CA ASP C 89 27.10 -7.67 1.47
C ASP C 89 27.02 -8.85 2.41
N TYR C 90 27.32 -8.64 3.69
CA TYR C 90 27.43 -9.70 4.65
C TYR C 90 26.14 -10.40 4.97
N LYS C 91 25.00 -9.75 4.69
CA LYS C 91 23.69 -10.48 4.87
C LYS C 91 22.62 -10.19 3.79
N ARG C 92 22.99 -9.48 2.75
CA ARG C 92 22.01 -9.11 1.71
C ARG C 92 22.48 -9.51 0.31
N LEU C 93 21.51 -9.85 -0.52
CA LEU C 93 21.71 -10.25 -1.91
C LEU C 93 20.88 -9.39 -2.81
N HIS C 94 21.52 -8.68 -3.72
CA HIS C 94 20.85 -7.81 -4.68
C HIS C 94 20.92 -8.48 -6.05
N LEU C 95 19.84 -9.13 -6.46
CA LEU C 95 19.77 -9.92 -7.68
C LEU C 95 19.09 -9.23 -8.81
N PHE C 96 19.43 -9.62 -10.03
CA PHE C 96 18.80 -9.15 -11.23
C PHE C 96 18.59 -10.34 -12.17
N LEU C 97 17.34 -10.55 -12.62
CA LEU C 97 16.95 -11.68 -13.43
C LEU C 97 16.38 -11.22 -14.72
N THR C 98 16.78 -11.84 -15.83
CA THR C 98 16.18 -11.61 -17.12
C THR C 98 15.33 -12.78 -17.53
N LEU C 99 14.26 -12.53 -18.27
CA LEU C 99 13.38 -13.55 -18.83
C LEU C 99 13.28 -13.22 -20.32
N THR C 100 13.85 -14.14 -21.12
CA THR C 100 14.02 -13.95 -22.54
C THR C 100 13.36 -15.08 -23.34
N LYS C 101 12.75 -14.70 -24.44
CA LYS C 101 12.11 -15.62 -25.34
C LYS C 101 13.17 -16.39 -26.15
N GLU C 102 12.75 -17.47 -26.83
CA GLU C 102 13.71 -18.26 -27.60
C GLU C 102 14.47 -17.48 -28.66
N ASP C 103 13.85 -16.46 -29.22
CA ASP C 103 14.52 -15.66 -30.25
C ASP C 103 15.35 -14.52 -29.71
N GLY C 104 15.59 -14.52 -28.41
CA GLY C 104 16.44 -13.52 -27.77
C GLY C 104 15.73 -12.29 -27.24
N THR C 105 14.43 -12.17 -27.49
CA THR C 105 13.67 -10.99 -27.06
C THR C 105 13.58 -10.93 -25.50
N LEU C 106 13.96 -9.81 -24.93
CA LEU C 106 13.89 -9.61 -23.49
C LEU C 106 12.41 -9.36 -23.08
N ALA C 107 11.76 -10.36 -22.49
CA ALA C 107 10.31 -10.26 -22.19
C ALA C 107 9.99 -9.61 -20.84
N SER C 108 10.83 -9.85 -19.86
CA SER C 108 10.63 -9.34 -18.53
C SER C 108 11.91 -9.28 -17.75
N THR C 109 11.98 -8.38 -16.79
CA THR C 109 13.07 -8.33 -15.87
C THR C 109 12.58 -8.29 -14.42
N ASN C 110 13.42 -8.75 -13.51
CA ASN C 110 13.09 -8.75 -12.09
C ASN C 110 14.35 -8.38 -11.27
N GLU C 111 14.23 -7.38 -10.41
CA GLU C 111 15.29 -6.95 -9.52
C GLU C 111 14.83 -7.24 -8.09
N VAL C 112 15.62 -7.92 -7.30
CA VAL C 112 15.16 -8.39 -6.00
C VAL C 112 16.21 -8.23 -4.91
N MET C 113 15.80 -7.74 -3.74
CA MET C 113 16.67 -7.69 -2.56
C MET C 113 16.24 -8.77 -1.58
N MET C 114 17.17 -9.63 -1.23
CA MET C 114 16.97 -10.67 -0.26
C MET C 114 17.84 -10.37 0.99
N MET C 115 17.40 -10.86 2.14
CA MET C 115 18.16 -10.72 3.39
C MET C 115 18.16 -11.97 4.18
N GLY C 116 19.34 -12.32 4.71
CA GLY C 116 19.49 -13.49 5.53
C GLY C 116 18.92 -13.35 6.91
N ILE C 117 18.31 -14.42 7.41
CA ILE C 117 17.58 -14.38 8.68
C ILE C 117 18.02 -15.54 9.57
N ASN C 118 18.42 -15.21 10.80
CA ASN C 118 18.68 -16.26 11.81
C ASN C 118 17.34 -16.76 12.37
N GLN C 119 17.03 -18.03 12.14
CA GLN C 119 15.74 -18.60 12.48
C GLN C 119 15.50 -18.64 14.00
N HIS C 120 16.57 -18.67 14.80
CA HIS C 120 16.43 -18.63 16.26
C HIS C 120 15.83 -17.32 16.74
N THR C 121 16.08 -16.25 16.00
CA THR C 121 15.58 -14.95 16.36
C THR C 121 14.58 -14.33 15.40
N ARG C 122 14.56 -14.82 14.19
CA ARG C 122 13.77 -14.27 13.13
C ARG C 122 14.31 -12.88 12.80
N ARG C 123 15.55 -12.64 13.23
CA ARG C 123 16.17 -11.36 12.93
C ARG C 123 17.33 -11.58 11.93
N SER C 124 17.67 -10.51 11.23
CA SER C 124 18.68 -10.52 10.21
C SER C 124 20.07 -10.79 10.79
N ASP C 125 20.83 -11.64 10.13
CA ASP C 125 22.15 -12.05 10.60
C ASP C 125 23.05 -12.37 9.42
N ALA C 126 24.36 -12.30 9.64
CA ALA C 126 25.33 -12.56 8.61
C ALA C 126 25.13 -13.94 7.97
N PHE C 127 25.40 -14.01 6.67
CA PHE C 127 25.33 -15.27 5.94
C PHE C 127 26.28 -16.33 6.58
N PRO C 128 25.85 -17.58 6.61
CA PRO C 128 26.79 -18.63 6.97
C PRO C 128 27.86 -18.71 5.93
N GLU C 129 29.07 -19.09 6.34
CA GLU C 129 30.27 -18.97 5.47
C GLU C 129 30.20 -19.77 4.19
N SER C 130 29.53 -20.89 4.23
CA SER C 130 29.31 -21.70 3.02
C SER C 130 28.60 -20.93 1.89
N PHE C 131 27.39 -20.51 2.18
CA PHE C 131 26.58 -19.73 1.25
C PHE C 131 27.32 -18.47 0.80
N SER C 132 27.97 -17.81 1.74
CA SER C 132 28.75 -16.60 1.47
C SER C 132 29.88 -16.86 0.44
N THR C 133 30.60 -17.95 0.65
CA THR C 133 31.66 -18.34 -0.28
C THR C 133 31.10 -18.57 -1.69
N GLN C 134 30.02 -19.30 -1.77
CA GLN C 134 29.41 -19.66 -3.07
C GLN C 134 28.86 -18.41 -3.78
N ILE C 135 28.28 -17.49 -3.01
CA ILE C 135 27.79 -16.22 -3.59
C ILE C 135 28.94 -15.37 -4.14
N ALA C 136 29.99 -15.21 -3.34
CA ALA C 136 31.19 -14.49 -3.82
C ALA C 136 31.78 -15.14 -5.09
N HIS C 137 31.92 -16.45 -5.07
CA HIS C 137 32.45 -17.20 -6.23
C HIS C 137 31.58 -16.99 -7.50
N TYR C 138 30.25 -17.09 -7.33
CA TYR C 138 29.32 -16.82 -8.44
C TYR C 138 29.45 -15.45 -8.97
N TYR C 139 29.46 -14.45 -8.10
CA TYR C 139 29.60 -13.07 -8.52
C TYR C 139 30.89 -12.87 -9.30
N LYS C 140 31.96 -13.41 -8.77
CA LYS C 140 33.29 -13.20 -9.37
C LYS C 140 33.40 -13.85 -10.74
N ASN C 141 32.73 -14.98 -10.92
CA ASN C 141 32.80 -15.70 -12.18
C ASN C 141 31.80 -15.31 -13.20
N GLN C 142 30.93 -14.36 -12.86
CA GLN C 142 30.00 -13.85 -13.82
C GLN C 142 30.70 -13.26 -14.99
N PRO C 143 30.10 -13.33 -16.18
CA PRO C 143 30.63 -12.67 -17.38
C PRO C 143 30.50 -11.17 -17.33
N THR C 144 31.17 -10.47 -18.24
CA THR C 144 31.04 -9.00 -18.33
C THR C 144 29.61 -8.69 -18.71
N ILE C 145 28.93 -7.86 -17.94
CA ILE C 145 27.53 -7.59 -18.23
C ILE C 145 27.30 -6.11 -18.48
N THR C 146 26.46 -5.78 -19.44
CA THR C 146 25.97 -4.43 -19.58
C THR C 146 24.56 -4.44 -18.98
N TRP C 147 24.42 -3.86 -17.81
CA TRP C 147 23.13 -3.92 -17.05
C TRP C 147 22.01 -3.20 -17.82
N PRO C 148 20.89 -3.89 -18.10
CA PRO C 148 19.85 -3.19 -18.85
C PRO C 148 19.31 -1.94 -18.16
N GLU C 149 18.60 -1.09 -18.86
CA GLU C 149 18.08 0.12 -18.27
C GLU C 149 17.02 -0.14 -17.16
N GLN C 150 16.38 -1.31 -17.16
CA GLN C 150 15.34 -1.63 -16.18
C GLN C 150 15.85 -1.61 -14.74
N LEU C 151 17.12 -1.92 -14.58
CA LEU C 151 17.76 -1.98 -13.29
C LEU C 151 17.80 -0.63 -12.65
N GLY C 152 17.10 -0.49 -11.53
CA GLY C 152 16.98 0.76 -10.77
C GLY C 152 15.99 1.73 -11.32
N HIS C 153 15.20 1.33 -12.31
CA HIS C 153 14.28 2.25 -13.00
C HIS C 153 13.14 2.65 -12.08
N LYS C 154 12.77 3.94 -12.14
CA LYS C 154 11.73 4.47 -11.27
C LYS C 154 10.40 4.54 -12.04
N ILE C 155 9.33 4.13 -11.37
CA ILE C 155 8.01 4.20 -12.03
C ILE C 155 7.53 5.63 -12.11
N ALA C 156 7.15 6.04 -13.29
CA ALA C 156 6.68 7.38 -13.52
C ALA C 156 5.94 7.52 -14.82
N ILE C 157 4.92 8.36 -14.82
CA ILE C 157 4.22 8.67 -16.01
C ILE C 157 4.99 9.83 -16.71
N PRO C 158 5.29 9.71 -18.03
CA PRO C 158 5.96 10.88 -18.68
C PRO C 158 5.36 12.25 -18.41
#